data_1PER
#
_entry.id   1PER
#
_cell.length_a   150.900
_cell.length_b   64.500
_cell.length_c   27.800
_cell.angle_alpha   90.00
_cell.angle_beta   90.00
_cell.angle_gamma   90.00
#
_symmetry.space_group_name_H-M   'P 21 21 21'
#
loop_
_entity.id
_entity.type
_entity.pdbx_description
1 polymer "DNA (5'-D(*AP*AP*GP*TP*AP*CP*AP*GP*TP*TP*TP*TP*TP*CP*TP*TP*G P*TP*AP*T)-3')"
2 polymer "DNA (5'-D(*TP*AP*TP*AP*CP*AP*AP*GP*AP*AP*AP*AP*AP*CP*TP*GP*T P*AP*CP*T)-3')"
3 polymer 'PROTEIN (434 REPRESSOR)'
4 water water
#
loop_
_entity_poly.entity_id
_entity_poly.type
_entity_poly.pdbx_seq_one_letter_code
_entity_poly.pdbx_strand_id
1 'polydeoxyribonucleotide' (DA)(DA)(DG)(DT)(DA)(DC)(DA)(DG)(DT)(DT)(DT)(DT)(DT)(DC)(DT)(DT)(DG)(DT)(DA)(DT) A
2 'polydeoxyribonucleotide' (DT)(DA)(DT)(DA)(DC)(DA)(DA)(DG)(DA)(DA)(DA)(DA)(DA)(DC)(DT)(DG)(DT)(DA)(DC)(DT) B
3 'polypeptide(L)' SISSRVKSKRIQLGLNQAELAQKVGTTQQSIEQLENGKTKRPRFLPELASALGVSVDWLLNGTSDSNVR L,R
#
# COMPACT_ATOMS: atom_id res chain seq x y z
N SER C 1 10.52 -2.82 12.24
CA SER C 1 9.57 -3.91 12.10
C SER C 1 8.14 -3.41 11.98
N ILE C 2 7.46 -3.80 10.89
CA ILE C 2 6.06 -3.41 10.65
C ILE C 2 5.10 -3.95 11.72
N SER C 3 5.28 -5.22 12.08
CA SER C 3 4.45 -5.88 13.07
C SER C 3 4.58 -5.21 14.43
N SER C 4 5.82 -4.90 14.79
CA SER C 4 6.11 -4.24 16.05
C SER C 4 5.52 -2.84 16.05
N ARG C 5 5.59 -2.19 14.90
CA ARG C 5 5.10 -0.84 14.68
C ARG C 5 3.58 -0.76 14.79
N VAL C 6 2.88 -1.74 14.21
CA VAL C 6 1.43 -1.77 14.28
C VAL C 6 0.98 -2.04 15.70
N LYS C 7 1.54 -3.11 16.27
CA LYS C 7 1.25 -3.49 17.63
C LYS C 7 1.44 -2.32 18.58
N SER C 8 2.50 -1.56 18.38
CA SER C 8 2.75 -0.45 19.29
C SER C 8 1.87 0.76 19.10
N LYS C 9 1.48 1.02 17.86
CA LYS C 9 0.65 2.17 17.59
C LYS C 9 -0.78 1.90 18.04
N ARG C 10 -1.23 0.67 17.83
CA ARG C 10 -2.57 0.35 18.24
C ARG C 10 -2.72 0.26 19.76
N ILE C 11 -1.77 -0.40 20.43
CA ILE C 11 -1.81 -0.51 21.88
C ILE C 11 -1.92 0.90 22.43
N GLN C 12 -1.19 1.81 21.78
CA GLN C 12 -1.15 3.18 22.21
C GLN C 12 -2.31 4.06 21.79
N LEU C 13 -3.11 3.61 20.84
CA LEU C 13 -4.30 4.36 20.48
C LEU C 13 -5.31 3.85 21.45
N GLY C 14 -4.85 2.85 22.18
CA GLY C 14 -5.64 2.17 23.16
C GLY C 14 -6.72 1.37 22.47
N LEU C 15 -6.38 0.76 21.33
CA LEU C 15 -7.33 -0.04 20.60
C LEU C 15 -7.06 -1.52 20.80
N ASN C 16 -8.05 -2.31 20.42
CA ASN C 16 -7.89 -3.76 20.46
C ASN C 16 -7.70 -4.26 19.05
N GLN C 17 -7.27 -5.50 18.91
CA GLN C 17 -7.08 -6.01 17.59
C GLN C 17 -8.35 -5.91 16.77
N ALA C 18 -9.46 -6.34 17.36
CA ALA C 18 -10.75 -6.31 16.69
C ALA C 18 -11.29 -4.90 16.48
N GLU C 19 -10.96 -4.01 17.41
CA GLU C 19 -11.40 -2.64 17.31
C GLU C 19 -10.67 -1.97 16.16
N LEU C 20 -9.38 -2.27 16.03
CA LEU C 20 -8.58 -1.73 14.96
C LEU C 20 -9.11 -2.23 13.61
N ALA C 21 -9.28 -3.56 13.53
CA ALA C 21 -9.78 -4.25 12.35
C ALA C 21 -11.04 -3.61 11.81
N GLN C 22 -11.79 -3.05 12.76
CA GLN C 22 -13.04 -2.37 12.47
C GLN C 22 -12.79 -1.06 11.76
N LYS C 23 -11.91 -0.24 12.33
CA LYS C 23 -11.60 1.03 11.73
C LYS C 23 -10.99 0.84 10.35
N VAL C 24 -10.14 -0.18 10.25
CA VAL C 24 -9.43 -0.49 9.02
C VAL C 24 -10.32 -1.19 8.01
N GLY C 25 -11.47 -1.68 8.48
CA GLY C 25 -12.43 -2.36 7.66
C GLY C 25 -12.04 -3.79 7.33
N THR C 26 -11.33 -4.41 8.24
CA THR C 26 -10.91 -5.78 8.05
C THR C 26 -11.29 -6.63 9.22
N THR C 27 -10.60 -7.75 9.36
CA THR C 27 -10.85 -8.64 10.46
C THR C 27 -9.74 -8.61 11.48
N GLN C 28 -10.09 -9.11 12.64
CA GLN C 28 -9.20 -9.22 13.77
C GLN C 28 -8.07 -10.15 13.43
N GLN C 29 -8.42 -11.19 12.69
CA GLN C 29 -7.50 -12.23 12.24
C GLN C 29 -6.48 -11.68 11.26
N SER C 30 -6.83 -10.57 10.60
CA SER C 30 -5.91 -9.97 9.67
C SER C 30 -4.93 -9.12 10.45
N ILE C 31 -5.47 -8.49 11.48
CA ILE C 31 -4.69 -7.64 12.34
C ILE C 31 -3.63 -8.52 13.01
N GLU C 32 -4.07 -9.66 13.59
CA GLU C 32 -3.15 -10.59 14.19
C GLU C 32 -2.09 -11.09 13.22
N GLN C 33 -2.52 -11.56 12.05
CA GLN C 33 -1.52 -12.06 11.10
C GLN C 33 -0.45 -11.00 10.88
N LEU C 34 -0.92 -9.77 10.74
CA LEU C 34 -0.01 -8.66 10.56
C LEU C 34 0.88 -8.53 11.78
N GLU C 35 0.23 -8.31 12.93
CA GLU C 35 0.95 -8.14 14.18
C GLU C 35 1.90 -9.29 14.52
N ASN C 36 1.65 -10.48 13.94
CA ASN C 36 2.44 -11.68 14.20
C ASN C 36 3.40 -12.16 13.12
N GLY C 37 3.84 -11.27 12.22
CA GLY C 37 4.78 -11.62 11.17
C GLY C 37 4.32 -12.53 10.02
N LYS C 38 3.02 -12.77 9.90
CA LYS C 38 2.46 -13.62 8.85
C LYS C 38 2.13 -12.87 7.56
N THR C 39 2.29 -11.56 7.59
CA THR C 39 2.00 -10.73 6.45
C THR C 39 3.00 -9.62 6.34
N LYS C 40 3.49 -9.40 5.14
CA LYS C 40 4.45 -8.35 4.94
C LYS C 40 3.75 -7.14 4.32
N ARG C 41 2.87 -7.38 3.36
CA ARG C 41 2.12 -6.29 2.75
C ARG C 41 0.65 -6.60 2.59
N PRO C 42 -0.13 -6.13 3.57
CA PRO C 42 -1.55 -6.33 3.58
C PRO C 42 -2.20 -5.41 2.60
N ARG C 43 -3.31 -5.83 2.05
CA ARG C 43 -3.99 -4.99 1.11
C ARG C 43 -4.55 -3.73 1.74
N PHE C 44 -4.81 -3.82 3.05
CA PHE C 44 -5.35 -2.70 3.79
C PHE C 44 -4.30 -1.78 4.34
N LEU C 45 -3.10 -1.88 3.81
CA LEU C 45 -2.01 -1.04 4.25
C LEU C 45 -2.34 0.46 4.30
N PRO C 46 -3.07 0.97 3.30
CA PRO C 46 -3.36 2.40 3.27
C PRO C 46 -4.34 2.88 4.33
N GLU C 47 -5.39 2.10 4.50
CA GLU C 47 -6.46 2.35 5.47
C GLU C 47 -5.96 2.18 6.90
N LEU C 48 -5.07 1.22 7.06
CA LEU C 48 -4.46 0.91 8.33
C LEU C 48 -3.63 2.10 8.78
N ALA C 49 -2.80 2.61 7.88
CA ALA C 49 -1.99 3.74 8.23
C ALA C 49 -2.87 4.95 8.52
N SER C 50 -3.98 5.00 7.80
CA SER C 50 -4.91 6.09 7.98
C SER C 50 -5.58 5.97 9.32
N ALA C 51 -5.78 4.73 9.76
CA ALA C 51 -6.42 4.46 11.03
C ALA C 51 -5.45 4.46 12.20
N LEU C 52 -4.18 4.76 11.90
CA LEU C 52 -3.16 4.84 12.95
C LEU C 52 -2.49 6.23 12.93
N GLY C 53 -3.02 7.13 12.13
CA GLY C 53 -2.46 8.47 12.04
C GLY C 53 -0.99 8.41 11.65
N VAL C 54 -0.68 7.49 10.76
CA VAL C 54 0.69 7.33 10.32
C VAL C 54 0.79 7.31 8.80
N SER C 55 1.99 7.09 8.31
CA SER C 55 2.22 7.06 6.89
C SER C 55 2.61 5.67 6.43
N VAL C 56 2.11 5.24 5.28
CA VAL C 56 2.44 3.92 4.76
C VAL C 56 3.94 3.76 4.86
N ASP C 57 4.59 4.90 4.67
CA ASP C 57 6.03 4.99 4.71
C ASP C 57 6.66 4.63 6.06
N TRP C 58 6.05 5.12 7.13
CA TRP C 58 6.55 4.86 8.48
C TRP C 58 6.33 3.41 8.88
N LEU C 59 5.29 2.82 8.32
CA LEU C 59 4.92 1.44 8.58
C LEU C 59 5.88 0.44 7.96
N LEU C 60 6.16 0.69 6.68
CA LEU C 60 7.02 -0.16 5.90
C LEU C 60 8.49 -0.04 6.26
N ASN C 61 8.97 1.18 6.43
CA ASN C 61 10.37 1.35 6.78
C ASN C 61 10.59 2.24 7.97
N GLY C 62 9.51 2.52 8.69
CA GLY C 62 9.54 3.33 9.88
C GLY C 62 10.47 4.53 9.78
N THR C 63 10.25 5.36 8.76
CA THR C 63 11.10 6.53 8.60
C THR C 63 10.29 7.80 8.31
N SER D 1 -9.13 5.45 -13.04
CA SER D 1 -8.93 4.55 -11.93
C SER D 1 -7.45 4.50 -11.57
N ILE D 2 -7.08 3.63 -10.64
CA ILE D 2 -5.67 3.53 -10.31
C ILE D 2 -4.94 3.13 -11.59
N SER D 3 -5.61 2.28 -12.37
CA SER D 3 -5.11 1.81 -13.64
C SER D 3 -4.85 3.00 -14.54
N SER D 4 -5.90 3.80 -14.66
CA SER D 4 -5.90 5.02 -15.46
C SER D 4 -4.75 5.88 -15.01
N ARG D 5 -4.77 6.17 -13.73
CA ARG D 5 -3.74 6.99 -13.18
C ARG D 5 -2.34 6.47 -13.47
N VAL D 6 -2.12 5.18 -13.26
CA VAL D 6 -0.81 4.61 -13.52
C VAL D 6 -0.37 4.72 -14.96
N LYS D 7 -1.23 4.29 -15.87
CA LYS D 7 -0.93 4.31 -17.28
C LYS D 7 -0.55 5.69 -17.81
N SER D 8 -1.29 6.70 -17.35
CA SER D 8 -1.09 8.08 -17.75
C SER D 8 0.32 8.57 -17.45
N LYS D 9 0.60 8.66 -16.16
CA LYS D 9 1.88 9.10 -15.64
C LYS D 9 3.01 8.24 -16.12
N ARG D 10 2.70 7.05 -16.59
CA ARG D 10 3.79 6.23 -17.05
C ARG D 10 4.33 6.85 -18.32
N ILE D 11 3.35 7.08 -19.20
CA ILE D 11 3.48 7.68 -20.50
C ILE D 11 3.92 9.12 -20.39
N GLN D 12 3.34 9.82 -19.43
CA GLN D 12 3.71 11.19 -19.21
C GLN D 12 5.17 11.28 -18.79
N LEU D 13 5.68 10.25 -18.13
CA LEU D 13 7.08 10.24 -17.73
C LEU D 13 7.94 9.66 -18.83
N GLY D 14 7.26 9.12 -19.82
CA GLY D 14 7.85 8.52 -20.99
C GLY D 14 8.45 7.14 -20.74
N LEU D 15 8.01 6.49 -19.66
CA LEU D 15 8.49 5.17 -19.28
C LEU D 15 7.70 4.06 -19.97
N ASN D 16 8.33 2.90 -20.17
CA ASN D 16 7.59 1.77 -20.71
C ASN D 16 7.29 0.87 -19.54
N GLN D 17 6.43 -0.13 -19.73
CA GLN D 17 6.05 -1.01 -18.64
C GLN D 17 7.22 -1.67 -17.91
N ALA D 18 8.22 -2.12 -18.67
CA ALA D 18 9.39 -2.79 -18.12
C ALA D 18 10.38 -1.88 -17.39
N GLU D 19 10.44 -0.60 -17.75
CA GLU D 19 11.37 0.28 -17.07
C GLU D 19 10.78 0.84 -15.79
N LEU D 20 9.45 0.81 -15.70
CA LEU D 20 8.75 1.24 -14.50
C LEU D 20 8.77 0.03 -13.58
N ALA D 21 8.70 -1.13 -14.23
CA ALA D 21 8.76 -2.39 -13.54
C ALA D 21 10.07 -2.49 -12.77
N GLN D 22 11.14 -1.96 -13.36
CA GLN D 22 12.45 -2.00 -12.74
C GLN D 22 12.67 -0.92 -11.70
N LYS D 23 11.93 0.18 -11.80
CA LYS D 23 12.08 1.26 -10.84
C LYS D 23 11.39 0.95 -9.53
N VAL D 24 10.30 0.22 -9.67
CA VAL D 24 9.39 -0.17 -8.61
C VAL D 24 9.67 -1.52 -7.96
N GLY D 25 10.48 -2.31 -8.65
CA GLY D 25 10.83 -3.63 -8.17
C GLY D 25 9.86 -4.72 -8.63
N THR D 26 9.13 -4.48 -9.71
CA THR D 26 8.23 -5.50 -10.20
C THR D 26 8.59 -5.97 -11.61
N THR D 27 7.67 -6.73 -12.22
CA THR D 27 7.83 -7.26 -13.58
C THR D 27 6.85 -6.49 -14.48
N GLN D 28 7.13 -6.32 -15.79
CA GLN D 28 6.17 -5.57 -16.60
C GLN D 28 4.81 -6.23 -16.60
N GLN D 29 4.84 -7.54 -16.39
CA GLN D 29 3.66 -8.37 -16.38
C GLN D 29 2.73 -7.96 -15.25
N SER D 30 3.34 -7.62 -14.12
CA SER D 30 2.63 -7.18 -12.94
C SER D 30 2.14 -5.75 -13.13
N ILE D 31 2.78 -5.08 -14.07
CA ILE D 31 2.46 -3.70 -14.40
C ILE D 31 1.30 -3.64 -15.37
N GLU D 32 1.35 -4.54 -16.32
CA GLU D 32 0.32 -4.62 -17.32
C GLU D 32 -1.04 -4.96 -16.68
N GLN D 33 -1.00 -5.75 -15.60
CA GLN D 33 -2.21 -6.16 -14.89
C GLN D 33 -2.92 -5.04 -14.18
N LEU D 34 -2.14 -4.32 -13.42
CA LEU D 34 -2.62 -3.20 -12.66
C LEU D 34 -3.26 -2.20 -13.60
N GLU D 35 -2.49 -1.88 -14.64
CA GLU D 35 -2.87 -0.96 -15.71
C GLU D 35 -4.09 -1.45 -16.46
N ASN D 36 -4.02 -2.70 -16.88
CA ASN D 36 -5.13 -3.30 -17.62
C ASN D 36 -6.33 -3.61 -16.73
N GLY D 37 -6.22 -3.23 -15.47
CA GLY D 37 -7.28 -3.41 -14.50
C GLY D 37 -7.41 -4.80 -13.90
N LYS D 38 -6.38 -5.62 -13.98
CA LYS D 38 -6.55 -6.94 -13.41
C LYS D 38 -6.53 -6.93 -11.91
N THR D 39 -5.46 -6.36 -11.42
CA THR D 39 -5.09 -6.21 -10.05
C THR D 39 -5.76 -4.99 -9.40
N LYS D 40 -6.39 -5.20 -8.25
CA LYS D 40 -7.07 -4.14 -7.53
C LYS D 40 -6.17 -3.33 -6.60
N ARG D 41 -5.32 -4.05 -5.86
CA ARG D 41 -4.42 -3.45 -4.88
C ARG D 41 -3.02 -4.01 -4.99
N PRO D 42 -2.18 -3.40 -5.82
CA PRO D 42 -0.83 -3.88 -6.00
C PRO D 42 0.03 -3.64 -4.77
N ARG D 43 0.82 -4.66 -4.43
CA ARG D 43 1.71 -4.58 -3.29
C ARG D 43 2.80 -3.51 -3.42
N PHE D 44 3.20 -3.22 -4.67
CA PHE D 44 4.25 -2.22 -4.94
C PHE D 44 3.70 -0.83 -4.97
N LEU D 45 2.47 -0.67 -4.50
CA LEU D 45 1.83 0.60 -4.50
C LEU D 45 2.74 1.76 -4.08
N PRO D 46 3.32 1.64 -2.88
CA PRO D 46 4.20 2.66 -2.33
C PRO D 46 5.45 2.97 -3.16
N GLU D 47 6.09 1.93 -3.70
CA GLU D 47 7.27 2.06 -4.54
C GLU D 47 6.89 2.77 -5.83
N LEU D 48 5.67 2.43 -6.26
CA LEU D 48 5.02 2.95 -7.44
C LEU D 48 4.79 4.44 -7.35
N ALA D 49 4.12 4.89 -6.29
CA ALA D 49 3.89 6.32 -6.17
C ALA D 49 5.20 7.08 -6.15
N SER D 50 6.24 6.50 -5.57
CA SER D 50 7.50 7.22 -5.55
C SER D 50 8.04 7.37 -6.96
N ALA D 51 7.98 6.27 -7.68
CA ALA D 51 8.47 6.21 -9.04
C ALA D 51 7.69 7.13 -9.96
N LEU D 52 6.37 7.19 -9.74
CA LEU D 52 5.52 8.03 -10.57
C LEU D 52 5.50 9.47 -10.07
N GLY D 53 6.14 9.64 -8.91
CA GLY D 53 6.33 10.93 -8.26
C GLY D 53 5.04 11.55 -7.76
N VAL D 54 4.18 10.70 -7.22
CA VAL D 54 2.90 11.10 -6.68
C VAL D 54 2.72 10.50 -5.32
N SER D 55 1.46 10.47 -4.93
CA SER D 55 1.06 9.95 -3.68
C SER D 55 0.17 8.75 -3.81
N VAL D 56 0.18 7.94 -2.76
CA VAL D 56 -0.63 6.75 -2.69
C VAL D 56 -2.10 7.14 -2.79
N ASP D 57 -2.49 8.17 -2.01
CA ASP D 57 -3.87 8.66 -2.01
C ASP D 57 -4.36 9.12 -3.37
N TRP D 58 -3.56 9.91 -4.08
CA TRP D 58 -3.97 10.34 -5.41
C TRP D 58 -4.03 9.14 -6.33
N LEU D 59 -3.00 8.30 -6.20
CA LEU D 59 -2.95 7.10 -7.00
C LEU D 59 -4.20 6.25 -6.77
N LEU D 60 -4.49 5.88 -5.51
CA LEU D 60 -5.72 5.11 -5.30
C LEU D 60 -7.01 5.92 -5.40
N ASN D 61 -6.99 7.18 -4.98
CA ASN D 61 -8.20 7.99 -5.01
C ASN D 61 -8.25 9.03 -6.09
N GLY D 62 -7.09 9.48 -6.52
CA GLY D 62 -7.05 10.54 -7.49
C GLY D 62 -7.51 11.78 -6.76
N THR D 63 -7.86 12.81 -7.52
CA THR D 63 -8.34 14.09 -7.02
C THR D 63 -7.34 15.21 -7.27
#